data_9EMJ
#
_entry.id   9EMJ
#
_cell.length_a   168.700
_cell.length_b   168.700
_cell.length_c   52.250
_cell.angle_alpha   90.000
_cell.angle_beta   90.000
_cell.angle_gamma   120.000
#
_symmetry.space_group_name_H-M   'P 31 2 1'
#
loop_
_entity.id
_entity.type
_entity.pdbx_description
1 polymer "2'-O-methyltransferase nsp16"
2 polymer 'Non-structural protein 10'
3 non-polymer 4-amino-7-(beta-D-ribofuranosyl)-7H-pyrrolo[2,3-d]pyrimidine-5-carbonitrile
4 non-polymer "P1-7-METHYLGUANOSINE-P3-ADENOSINE-5',5'-TRIPHOSPHATE"
5 non-polymer "7-METHYL-GUANOSINE-5'-TRIPHOSPHATE"
6 non-polymer 1,2-ETHANEDIOL
7 non-polymer 'ZINC ION'
8 water water
#
loop_
_entity_poly.entity_id
_entity_poly.type
_entity_poly.pdbx_seq_one_letter_code
_entity_poly.pdbx_strand_id
1 'polypeptide(L)'
;SNSSQAWQPGVAMPNLYKMQRMLLEKCDLQNYGDSATLPKGIMMNVAKYTQLCQYLNTLTLAVPYNMRVIHFGAGSDKGV
APGTAVLRQWLPTGTLLVDSDLNDFVSDADSTLIGDCATVHTANKWDLIISDMYDPKTKNVTKENDSKEGFFTYICGFIQ
QKLALGGSVAIKITEHSWNADLYKLMGHFAWWTAFVTNVNASSSEAFLIGCNYLGKPREQIDGYVMHANYIFWRNTNPIQ
LSSYSLFDMSKFPLKLRGTAVMSLKEGQINDMILSLLSKGRLIIRENNRVVISSDVLVNNENL
;
A
2 'polypeptide(L)'
;GAGNATEVPANSTVLSFCAFAVDAAKAYKDYLASGGQPITNCVKMLCTHTGTGQAITVTPEANMDQESFGGASCCLYCRC
HIDHPNPKGFCDLKGKYVQIPTTCANDPVGFTLKNTVCTVCGMWKGYGCSCDQLREPMLQ
;
B
#
loop_
_chem_comp.id
_chem_comp.type
_chem_comp.name
_chem_comp.formula
EDO non-polymer 1,2-ETHANEDIOL 'C2 H6 O2'
GTA non-polymer P1-7-METHYLGUANOSINE-P3-ADENOSINE-5',5'-TRIPHOSPHATE 'C21 H30 N10 O17 P3 1'
MGP non-polymer 7-METHYL-GUANOSINE-5'-TRIPHOSPHATE 'C11 H19 N5 O14 P3 1'
TO1 non-polymer 4-amino-7-(beta-D-ribofuranosyl)-7H-pyrrolo[2,3-d]pyrimidine-5-carbonitrile 'C12 H13 N5 O4'
ZN non-polymer 'ZINC ION' 'Zn 2'
#
# COMPACT_ATOMS: atom_id res chain seq x y z
N SER A 4 2.82 -23.38 12.57
CA SER A 4 2.77 -23.69 11.14
C SER A 4 2.28 -22.52 10.27
N GLN A 5 2.50 -22.69 8.95
CA GLN A 5 2.49 -21.56 8.04
C GLN A 5 1.12 -20.89 7.93
N ALA A 6 0.03 -21.63 8.12
CA ALA A 6 -1.28 -21.05 7.83
C ALA A 6 -1.67 -19.94 8.78
N TRP A 7 -1.09 -19.86 9.99
CA TRP A 7 -1.36 -18.78 10.93
C TRP A 7 -0.42 -17.61 10.77
N GLN A 8 0.57 -17.72 9.90
CA GLN A 8 1.40 -16.58 9.57
C GLN A 8 0.71 -15.70 8.54
N PRO A 9 1.21 -14.48 8.34
CA PRO A 9 0.64 -13.66 7.27
C PRO A 9 1.04 -14.15 5.90
N GLY A 10 2.06 -14.99 5.81
CA GLY A 10 2.57 -15.45 4.54
C GLY A 10 3.85 -16.22 4.76
N VAL A 11 4.55 -16.48 3.66
CA VAL A 11 5.73 -17.34 3.67
C VAL A 11 6.83 -16.62 2.93
N ALA A 12 7.99 -16.53 3.56
CA ALA A 12 9.16 -15.92 2.93
C ALA A 12 10.04 -17.02 2.33
N MET A 13 10.70 -16.70 1.24
CA MET A 13 11.55 -17.68 0.56
C MET A 13 12.67 -18.13 1.47
N PRO A 14 12.78 -19.42 1.82
CA PRO A 14 13.83 -19.85 2.74
C PRO A 14 15.23 -19.64 2.19
N ASN A 15 16.17 -19.40 3.11
CA ASN A 15 17.54 -19.05 2.75
C ASN A 15 18.18 -20.09 1.84
N LEU A 16 17.89 -21.37 2.07
CA LEU A 16 18.58 -22.39 1.27
C LEU A 16 18.16 -22.31 -0.18
N TYR A 17 16.92 -21.90 -0.45
CA TYR A 17 16.52 -21.75 -1.84
C TYR A 17 17.23 -20.58 -2.49
N LYS A 18 17.52 -19.53 -1.73
CA LYS A 18 18.29 -18.41 -2.27
C LYS A 18 19.68 -18.83 -2.74
N MET A 19 20.24 -19.88 -2.12
CA MET A 19 21.62 -20.28 -2.37
C MET A 19 21.77 -21.27 -3.52
N GLN A 20 20.70 -21.59 -4.21
CA GLN A 20 20.77 -22.56 -5.29
C GLN A 20 21.25 -21.88 -6.58
N ARG A 21 21.43 -22.69 -7.62
CA ARG A 21 21.77 -22.19 -8.96
C ARG A 21 20.83 -22.83 -9.96
N MET A 22 19.55 -22.52 -9.85
CA MET A 22 18.55 -23.17 -10.68
C MET A 22 18.47 -22.53 -12.05
N LEU A 23 17.99 -23.32 -13.00
CA LEU A 23 17.55 -22.80 -14.29
C LEU A 23 16.08 -22.48 -14.20
N LEU A 24 15.64 -21.53 -15.00
CA LEU A 24 14.28 -21.05 -14.94
C LEU A 24 13.35 -22.06 -15.58
N GLU A 25 12.32 -22.45 -14.85
CA GLU A 25 11.28 -23.36 -15.32
C GLU A 25 9.97 -22.60 -15.35
N LYS A 26 9.02 -23.16 -16.09
CA LYS A 26 7.65 -22.71 -16.01
C LYS A 26 7.11 -22.90 -14.60
N CYS A 27 6.33 -21.93 -14.13
CA CYS A 27 5.72 -22.02 -12.81
C CYS A 27 4.41 -22.80 -12.91
N ASP A 28 4.25 -23.79 -12.04
CA ASP A 28 3.10 -24.69 -12.08
C ASP A 28 2.65 -24.94 -10.64
N LEU A 29 1.71 -24.14 -10.17
CA LEU A 29 1.25 -24.23 -8.79
C LEU A 29 0.07 -25.19 -8.70
N GLN A 30 0.09 -26.09 -7.72
CA GLN A 30 -0.98 -27.07 -7.61
C GLN A 30 -2.32 -26.41 -7.28
N ASN A 31 -2.32 -25.27 -6.59
CA ASN A 31 -3.58 -24.61 -6.30
C ASN A 31 -3.85 -23.41 -7.20
N TYR A 32 -3.16 -23.32 -8.33
CA TYR A 32 -3.37 -22.18 -9.20
C TYR A 32 -4.85 -22.03 -9.50
N GLY A 33 -5.35 -20.80 -9.36
CA GLY A 33 -6.75 -20.52 -9.62
C GLY A 33 -7.65 -20.61 -8.41
N ASP A 34 -7.19 -21.21 -7.32
CA ASP A 34 -7.99 -21.25 -6.10
C ASP A 34 -7.97 -19.87 -5.44
N SER A 35 -9.04 -19.55 -4.73
CA SER A 35 -9.19 -18.25 -4.08
C SER A 35 -9.42 -18.46 -2.60
N ALA A 36 -8.83 -17.60 -1.78
CA ALA A 36 -9.04 -17.70 -0.36
C ALA A 36 -10.46 -17.25 0.00
N THR A 37 -10.95 -17.71 1.13
CA THR A 37 -12.21 -17.20 1.68
C THR A 37 -11.87 -15.99 2.55
N LEU A 38 -12.32 -14.84 2.15
CA LEU A 38 -11.96 -13.63 2.87
C LEU A 38 -13.02 -13.30 3.91
N PRO A 39 -12.68 -12.54 4.94
CA PRO A 39 -13.72 -12.09 5.88
C PRO A 39 -14.77 -11.29 5.15
N LYS A 40 -15.99 -11.30 5.72
CA LYS A 40 -17.13 -10.66 5.07
C LYS A 40 -16.81 -9.25 4.64
N GLY A 41 -17.08 -8.96 3.36
CA GLY A 41 -16.96 -7.64 2.82
C GLY A 41 -15.55 -7.12 2.67
N ILE A 42 -14.53 -7.92 2.93
CA ILE A 42 -13.14 -7.46 2.82
C ILE A 42 -12.63 -7.80 1.41
N MET A 43 -12.04 -6.79 0.76
CA MET A 43 -11.42 -6.88 -0.58
C MET A 43 -10.12 -7.65 -0.52
N MET A 44 -9.80 -8.37 -1.61
CA MET A 44 -8.50 -9.02 -1.73
C MET A 44 -7.35 -8.05 -1.50
N ASN A 45 -7.45 -6.85 -2.07
N ASN A 45 -7.41 -6.86 -2.08
CA ASN A 45 -6.37 -5.85 -2.00
CA ASN A 45 -6.27 -5.95 -1.97
C ASN A 45 -6.10 -5.43 -0.57
C ASN A 45 -6.07 -5.48 -0.53
N VAL A 46 -7.15 -5.36 0.25
CA VAL A 46 -6.98 -5.01 1.67
C VAL A 46 -6.34 -6.18 2.42
N ALA A 47 -6.83 -7.38 2.18
CA ALA A 47 -6.28 -8.55 2.83
C ALA A 47 -4.81 -8.72 2.49
N LYS A 48 -4.49 -8.59 1.21
CA LYS A 48 -3.12 -8.78 0.75
C LYS A 48 -2.18 -7.78 1.38
N TYR A 49 -2.56 -6.50 1.33
CA TYR A 49 -1.68 -5.50 1.92
C TYR A 49 -1.63 -5.64 3.43
N THR A 50 -2.73 -6.04 4.06
CA THR A 50 -2.67 -6.27 5.50
C THR A 50 -1.65 -7.36 5.82
N GLN A 51 -1.66 -8.44 5.06
CA GLN A 51 -0.68 -9.49 5.30
C GLN A 51 0.74 -9.00 5.01
N LEU A 52 0.93 -8.22 3.95
CA LEU A 52 2.25 -7.69 3.68
C LEU A 52 2.75 -6.88 4.87
N CYS A 53 1.89 -5.99 5.37
CA CYS A 53 2.33 -5.16 6.50
C CYS A 53 2.56 -5.99 7.76
N GLN A 54 1.72 -6.97 8.01
CA GLN A 54 1.97 -7.86 9.15
C GLN A 54 3.35 -8.50 9.05
N TYR A 55 3.77 -8.86 7.84
CA TYR A 55 5.10 -9.45 7.72
C TYR A 55 6.18 -8.39 7.91
N LEU A 56 5.98 -7.20 7.35
CA LEU A 56 6.97 -6.14 7.50
C LEU A 56 7.16 -5.76 8.95
N ASN A 57 6.14 -5.99 9.78
CA ASN A 57 6.25 -5.73 11.22
C ASN A 57 7.29 -6.64 11.87
N THR A 58 7.63 -7.76 11.24
CA THR A 58 8.61 -8.67 11.83
C THR A 58 10.05 -8.32 11.45
N LEU A 59 10.26 -7.27 10.65
CA LEU A 59 11.57 -6.90 10.16
C LEU A 59 12.07 -5.66 10.88
N THR A 60 13.34 -5.34 10.67
CA THR A 60 14.00 -4.19 11.29
C THR A 60 13.83 -2.91 10.47
N LEU A 61 12.59 -2.58 10.17
CA LEU A 61 12.32 -1.35 9.43
C LEU A 61 12.68 -0.14 10.26
N ALA A 62 13.27 0.86 9.60
CA ALA A 62 13.46 2.17 10.22
C ALA A 62 12.14 2.94 10.18
N VAL A 63 11.77 3.55 11.30
CA VAL A 63 10.49 4.26 11.42
C VAL A 63 10.75 5.59 12.10
N PRO A 64 11.23 6.59 11.37
CA PRO A 64 11.53 7.89 11.95
C PRO A 64 10.27 8.72 12.12
N TYR A 65 10.39 9.81 12.91
CA TYR A 65 9.38 10.85 12.83
C TYR A 65 9.34 11.40 11.41
N ASN A 66 8.17 11.82 11.01
CA ASN A 66 7.94 12.37 9.68
C ASN A 66 8.52 11.45 8.61
N MET A 67 8.22 10.18 8.79
CA MET A 67 8.58 9.16 7.81
C MET A 67 7.92 9.45 6.46
N ARG A 68 8.63 9.06 5.41
CA ARG A 68 8.26 9.34 4.03
C ARG A 68 8.10 8.01 3.31
N VAL A 69 6.90 7.76 2.80
CA VAL A 69 6.57 6.51 2.11
C VAL A 69 5.97 6.85 0.74
N ILE A 70 6.42 6.16 -0.31
CA ILE A 70 5.83 6.37 -1.63
C ILE A 70 5.33 5.02 -2.13
N HIS A 71 4.16 5.03 -2.75
CA HIS A 71 3.41 3.83 -3.13
C HIS A 71 3.05 3.91 -4.60
N PHE A 72 3.71 3.08 -5.43
CA PHE A 72 3.48 3.03 -6.87
C PHE A 72 2.51 1.91 -7.21
N GLY A 73 1.73 2.13 -8.26
CA GLY A 73 0.72 1.18 -8.69
C GLY A 73 -0.44 1.08 -7.73
N ALA A 74 -0.87 2.21 -7.18
CA ALA A 74 -1.82 2.24 -6.07
C ALA A 74 -3.27 2.34 -6.51
N GLY A 75 -3.54 2.53 -7.80
CA GLY A 75 -4.91 2.66 -8.24
C GLY A 75 -5.50 1.29 -8.57
N SER A 76 -6.81 1.23 -8.63
CA SER A 76 -7.52 0.00 -8.91
C SER A 76 -8.53 0.27 -10.02
N ASP A 77 -9.04 -0.81 -10.60
CA ASP A 77 -10.06 -0.67 -11.62
C ASP A 77 -11.34 -0.09 -11.05
N LYS A 78 -11.42 0.04 -9.72
CA LYS A 78 -12.58 0.64 -9.07
C LYS A 78 -12.39 2.13 -8.84
N GLY A 79 -11.22 2.68 -9.14
CA GLY A 79 -10.99 4.08 -8.95
C GLY A 79 -10.71 4.49 -7.53
N VAL A 80 -10.37 3.53 -6.65
CA VAL A 80 -9.98 3.82 -5.27
C VAL A 80 -8.62 3.17 -5.01
N ALA A 81 -8.12 3.29 -3.78
CA ALA A 81 -6.75 2.88 -3.45
C ALA A 81 -6.79 2.07 -2.16
N PRO A 82 -7.22 0.81 -2.24
CA PRO A 82 -7.33 -0.01 -1.01
C PRO A 82 -5.99 -0.21 -0.32
N GLY A 83 -4.95 -0.52 -1.11
CA GLY A 83 -3.62 -0.66 -0.57
C GLY A 83 -3.14 0.56 0.18
N THR A 84 -3.30 1.74 -0.42
CA THR A 84 -2.94 2.95 0.32
C THR A 84 -3.68 3.05 1.65
N ALA A 85 -4.97 2.69 1.67
CA ALA A 85 -5.72 2.77 2.93
C ALA A 85 -5.10 1.88 3.99
N VAL A 86 -4.63 0.68 3.62
CA VAL A 86 -3.97 -0.21 4.57
C VAL A 86 -2.62 0.37 4.99
N LEU A 87 -1.84 0.90 4.04
CA LEU A 87 -0.54 1.47 4.40
C LEU A 87 -0.73 2.61 5.41
N ARG A 88 -1.69 3.47 5.17
CA ARG A 88 -1.90 4.62 6.05
C ARG A 88 -2.38 4.19 7.43
N GLN A 89 -3.21 3.14 7.47
CA GLN A 89 -3.60 2.55 8.75
C GLN A 89 -2.39 2.01 9.49
N TRP A 90 -1.54 1.29 8.77
CA TRP A 90 -0.37 0.65 9.36
C TRP A 90 0.64 1.67 9.84
N LEU A 91 0.93 2.67 9.01
CA LEU A 91 2.00 3.63 9.28
C LEU A 91 1.60 4.55 10.43
N PRO A 92 2.57 5.07 11.18
CA PRO A 92 2.22 6.01 12.25
C PRO A 92 1.41 7.18 11.73
N THR A 93 0.45 7.63 12.54
CA THR A 93 -0.27 8.82 12.13
C THR A 93 0.72 9.94 11.85
N GLY A 94 0.47 10.67 10.76
CA GLY A 94 1.34 11.77 10.38
C GLY A 94 2.40 11.38 9.38
N THR A 95 2.59 10.10 9.12
CA THR A 95 3.55 9.68 8.11
C THR A 95 3.17 10.28 6.77
N LEU A 96 4.14 10.84 6.08
CA LEU A 96 3.90 11.38 4.76
C LEU A 96 3.76 10.21 3.79
N LEU A 97 2.63 10.13 3.09
CA LEU A 97 2.35 9.05 2.16
C LEU A 97 1.96 9.63 0.82
N VAL A 98 2.69 9.26 -0.23
CA VAL A 98 2.43 9.70 -1.59
C VAL A 98 2.10 8.46 -2.39
N ASP A 99 1.09 8.52 -3.25
CA ASP A 99 0.86 7.34 -4.11
C ASP A 99 0.65 7.77 -5.55
N SER A 100 0.57 6.78 -6.44
CA SER A 100 0.69 7.07 -7.85
C SER A 100 0.19 5.88 -8.65
N ASP A 101 -0.32 6.16 -9.85
CA ASP A 101 -0.78 5.12 -10.76
C ASP A 101 -0.93 5.75 -12.14
N LEU A 102 -0.84 4.90 -13.15
CA LEU A 102 -1.12 5.29 -14.53
C LEU A 102 -2.52 5.86 -14.68
N ASN A 103 -3.49 5.30 -13.97
CA ASN A 103 -4.90 5.59 -14.16
C ASN A 103 -5.45 6.39 -12.99
N ASP A 104 -6.43 7.25 -13.25
N ASP A 104 -6.47 7.20 -13.27
CA ASP A 104 -6.95 8.13 -12.22
CA ASP A 104 -7.12 8.05 -12.26
C ASP A 104 -7.66 7.33 -11.14
C ASP A 104 -7.62 7.22 -11.09
N PHE A 105 -7.52 7.78 -9.88
CA PHE A 105 -8.15 7.13 -8.74
C PHE A 105 -8.17 8.13 -7.60
N VAL A 106 -9.00 7.86 -6.60
CA VAL A 106 -9.08 8.73 -5.43
C VAL A 106 -8.50 7.99 -4.23
N SER A 107 -7.75 8.72 -3.41
CA SER A 107 -6.88 8.09 -2.45
C SER A 107 -6.87 8.85 -1.15
N ASP A 108 -6.52 8.14 -0.10
CA ASP A 108 -6.26 8.68 1.23
C ASP A 108 -4.85 9.18 1.41
N ALA A 109 -3.99 9.03 0.41
CA ALA A 109 -2.64 9.54 0.51
C ALA A 109 -2.62 11.06 0.64
N ASP A 110 -1.51 11.57 1.18
CA ASP A 110 -1.37 13.02 1.32
C ASP A 110 -1.21 13.68 -0.04
N SER A 111 -0.63 13.00 -1.01
CA SER A 111 -0.61 13.52 -2.36
C SER A 111 -0.64 12.34 -3.30
N THR A 112 -1.25 12.51 -4.46
CA THR A 112 -1.41 11.46 -5.47
C THR A 112 -1.00 12.02 -6.82
N LEU A 113 -0.18 11.29 -7.58
CA LEU A 113 0.21 11.69 -8.93
C LEU A 113 -0.29 10.65 -9.92
N ILE A 114 -0.97 11.10 -10.97
CA ILE A 114 -1.53 10.23 -12.00
C ILE A 114 -0.64 10.31 -13.23
N GLY A 115 -0.25 9.17 -13.77
CA GLY A 115 0.57 9.11 -14.98
C GLY A 115 1.51 7.93 -14.88
N ASP A 116 2.19 7.65 -16.00
CA ASP A 116 3.29 6.65 -15.95
C ASP A 116 4.27 6.99 -14.85
N CYS A 117 4.75 5.96 -14.13
CA CYS A 117 5.68 6.23 -13.05
C CYS A 117 6.89 7.01 -13.52
N ALA A 118 7.28 6.86 -14.79
CA ALA A 118 8.46 7.59 -15.26
C ALA A 118 8.24 9.11 -15.29
N THR A 119 6.99 9.57 -15.20
CA THR A 119 6.72 11.00 -15.13
C THR A 119 6.81 11.56 -13.71
N VAL A 120 7.05 10.72 -12.72
CA VAL A 120 7.09 11.14 -11.32
C VAL A 120 8.51 11.52 -10.93
N HIS A 121 8.65 12.71 -10.35
CA HIS A 121 9.95 13.22 -9.95
C HIS A 121 9.88 13.75 -8.53
N THR A 122 11.01 13.65 -7.83
CA THR A 122 11.18 14.31 -6.55
C THR A 122 12.68 14.40 -6.28
N ALA A 123 13.11 15.42 -5.57
CA ALA A 123 14.51 15.50 -5.16
C ALA A 123 14.71 14.92 -3.77
N ASN A 124 13.62 14.67 -3.04
CA ASN A 124 13.69 14.08 -1.72
C ASN A 124 13.95 12.59 -1.77
N LYS A 125 14.55 12.08 -0.71
CA LYS A 125 14.74 10.65 -0.48
C LYS A 125 13.62 10.11 0.41
N TRP A 126 13.38 8.80 0.32
CA TRP A 126 12.22 8.14 0.91
C TRP A 126 12.71 7.06 1.85
N ASP A 127 11.88 6.77 2.84
CA ASP A 127 12.21 5.79 3.86
C ASP A 127 11.63 4.40 3.55
N LEU A 128 10.60 4.33 2.73
CA LEU A 128 9.93 3.08 2.35
C LEU A 128 9.32 3.26 0.98
N ILE A 129 9.57 2.33 0.06
CA ILE A 129 8.95 2.35 -1.26
C ILE A 129 8.15 1.08 -1.43
N ILE A 130 6.85 1.21 -1.73
CA ILE A 130 5.98 0.08 -2.01
C ILE A 130 5.59 0.17 -3.48
N SER A 131 5.68 -0.94 -4.22
CA SER A 131 5.19 -0.95 -5.59
C SER A 131 4.31 -2.17 -5.80
N ASP A 132 3.14 -1.93 -6.33
CA ASP A 132 2.26 -3.00 -6.78
C ASP A 132 2.03 -2.96 -8.28
N MET A 133 2.87 -2.24 -9.01
CA MET A 133 2.71 -2.11 -10.45
C MET A 133 2.82 -3.47 -11.12
N TYR A 134 2.01 -3.65 -12.15
CA TYR A 134 1.98 -4.86 -12.98
C TYR A 134 1.42 -4.45 -14.34
N ASP A 135 2.09 -4.81 -15.41
CA ASP A 135 1.64 -4.51 -16.77
C ASP A 135 0.67 -5.58 -17.24
N PRO A 136 -0.59 -5.26 -17.52
CA PRO A 136 -1.54 -6.30 -17.94
C PRO A 136 -1.08 -7.07 -19.16
N LYS A 137 -0.23 -6.49 -19.99
CA LYS A 137 0.28 -7.17 -21.18
C LYS A 137 1.26 -8.28 -20.84
N THR A 138 1.75 -8.31 -19.61
CA THR A 138 2.56 -9.44 -19.18
C THR A 138 1.83 -10.76 -19.39
N LYS A 139 0.50 -10.73 -19.43
CA LYS A 139 -0.30 -11.93 -19.61
C LYS A 139 -0.13 -12.52 -21.01
N ASN A 140 0.27 -11.69 -21.96
CA ASN A 140 0.43 -12.11 -23.35
C ASN A 140 1.79 -12.74 -23.48
N VAL A 141 1.89 -13.99 -23.04
CA VAL A 141 3.17 -14.66 -22.99
C VAL A 141 3.39 -15.30 -24.35
N THR A 142 4.41 -14.81 -25.07
CA THR A 142 4.67 -15.31 -26.43
C THR A 142 6.12 -15.71 -26.67
N LYS A 143 6.94 -15.78 -25.63
CA LYS A 143 8.35 -16.10 -25.80
C LYS A 143 8.93 -16.46 -24.44
N GLU A 144 10.22 -16.81 -24.45
CA GLU A 144 10.95 -17.13 -23.26
C GLU A 144 10.69 -16.03 -22.23
N ASN A 145 10.69 -16.44 -20.97
CA ASN A 145 10.39 -15.52 -19.85
C ASN A 145 11.67 -14.81 -19.48
N ASP A 146 11.90 -13.66 -20.10
CA ASP A 146 13.07 -12.85 -19.84
C ASP A 146 12.75 -11.67 -18.92
N SER A 147 13.82 -11.10 -18.38
CA SER A 147 13.74 -9.94 -17.50
C SER A 147 12.96 -8.85 -18.19
N LYS A 148 12.03 -8.25 -17.48
CA LYS A 148 11.20 -7.20 -18.03
C LYS A 148 11.77 -5.84 -17.63
N GLU A 149 11.56 -4.86 -18.50
N GLU A 149 11.57 -4.85 -18.49
CA GLU A 149 12.04 -3.50 -18.28
CA GLU A 149 12.04 -3.50 -18.19
C GLU A 149 10.89 -2.62 -17.83
C GLU A 149 10.84 -2.63 -17.84
N GLY A 150 10.52 -1.64 -18.65
CA GLY A 150 9.34 -0.82 -18.34
C GLY A 150 9.50 -0.18 -16.96
N PHE A 151 8.46 -0.30 -16.12
CA PHE A 151 8.48 0.34 -14.81
C PHE A 151 9.54 -0.25 -13.90
N PHE A 152 10.02 -1.47 -14.18
CA PHE A 152 11.09 -1.99 -13.34
C PHE A 152 12.36 -1.18 -13.52
N THR A 153 12.60 -0.66 -14.71
CA THR A 153 13.76 0.20 -14.89
C THR A 153 13.64 1.46 -14.04
N TYR A 154 12.45 2.03 -14.03
CA TYR A 154 12.21 3.20 -13.20
C TYR A 154 12.46 2.89 -11.74
N ILE A 155 11.91 1.76 -11.27
CA ILE A 155 11.97 1.43 -9.85
C ILE A 155 13.41 1.22 -9.42
N CYS A 156 14.21 0.55 -10.27
CA CYS A 156 15.61 0.34 -9.91
C CYS A 156 16.34 1.69 -9.78
N GLY A 157 16.13 2.60 -10.73
CA GLY A 157 16.78 3.89 -10.62
C GLY A 157 16.26 4.68 -9.42
N PHE A 158 14.96 4.60 -9.18
CA PHE A 158 14.37 5.29 -8.03
C PHE A 158 15.00 4.80 -6.74
N ILE A 159 15.23 3.50 -6.62
CA ILE A 159 15.86 2.97 -5.42
C ILE A 159 17.28 3.50 -5.29
N GLN A 160 18.05 3.43 -6.36
CA GLN A 160 19.44 3.84 -6.27
C GLN A 160 19.60 5.34 -6.08
N GLN A 161 18.64 6.14 -6.51
CA GLN A 161 18.77 7.58 -6.43
C GLN A 161 17.99 8.22 -5.29
N LYS A 162 16.86 7.64 -4.89
CA LYS A 162 15.93 8.33 -3.99
C LYS A 162 15.56 7.53 -2.74
N LEU A 163 16.20 6.41 -2.47
CA LEU A 163 15.92 5.66 -1.23
C LEU A 163 16.96 6.04 -0.19
N ALA A 164 16.50 6.49 0.97
CA ALA A 164 17.43 6.78 2.05
C ALA A 164 18.19 5.54 2.44
N LEU A 165 19.44 5.73 2.86
CA LEU A 165 20.13 4.63 3.53
C LEU A 165 19.37 4.27 4.79
N GLY A 166 19.25 2.98 5.06
CA GLY A 166 18.39 2.50 6.11
C GLY A 166 16.97 2.23 5.66
N GLY A 167 16.57 2.78 4.53
CA GLY A 167 15.21 2.60 4.06
C GLY A 167 14.96 1.17 3.54
N SER A 168 13.70 0.89 3.25
CA SER A 168 13.30 -0.45 2.79
C SER A 168 12.37 -0.36 1.61
N VAL A 169 12.17 -1.51 0.94
CA VAL A 169 11.29 -1.59 -0.22
C VAL A 169 10.50 -2.89 -0.19
N ALA A 170 9.32 -2.84 -0.81
CA ALA A 170 8.52 -4.05 -1.11
C ALA A 170 7.99 -3.86 -2.52
N ILE A 171 8.49 -4.64 -3.46
CA ILE A 171 8.19 -4.49 -4.89
C ILE A 171 7.52 -5.76 -5.41
N LYS A 172 6.32 -5.63 -5.94
CA LYS A 172 5.59 -6.81 -6.39
C LYS A 172 6.17 -7.37 -7.68
N ILE A 173 6.33 -8.70 -7.71
CA ILE A 173 6.74 -9.45 -8.89
C ILE A 173 5.80 -10.64 -9.05
N THR A 174 5.86 -11.26 -10.22
CA THR A 174 5.17 -12.52 -10.49
C THR A 174 6.11 -13.38 -11.33
N GLU A 175 5.62 -14.52 -11.75
CA GLU A 175 6.46 -15.38 -12.58
C GLU A 175 7.02 -14.63 -13.77
N HIS A 176 6.15 -13.92 -14.49
CA HIS A 176 6.55 -13.22 -15.70
C HIS A 176 6.77 -11.72 -15.50
N SER A 177 6.34 -11.14 -14.39
CA SER A 177 6.60 -9.72 -14.13
C SER A 177 7.75 -9.66 -13.14
N TRP A 178 8.97 -9.56 -13.64
CA TRP A 178 10.17 -9.56 -12.82
C TRP A 178 11.29 -8.88 -13.61
N ASN A 179 12.36 -8.57 -12.90
CA ASN A 179 13.48 -7.82 -13.45
C ASN A 179 14.76 -8.29 -12.76
N ALA A 180 15.78 -8.63 -13.54
CA ALA A 180 17.02 -9.16 -12.98
C ALA A 180 17.77 -8.13 -12.15
N ASP A 181 17.78 -6.87 -12.60
CA ASP A 181 18.51 -5.86 -11.86
C ASP A 181 17.87 -5.60 -10.51
N LEU A 182 16.56 -5.77 -10.41
CA LEU A 182 15.90 -5.58 -9.11
C LEU A 182 16.36 -6.64 -8.12
N TYR A 183 16.48 -7.88 -8.55
CA TYR A 183 17.04 -8.89 -7.64
C TYR A 183 18.48 -8.55 -7.28
N LYS A 184 19.27 -8.12 -8.26
CA LYS A 184 20.64 -7.76 -7.96
C LYS A 184 20.69 -6.68 -6.90
N LEU A 185 19.77 -5.72 -6.98
N LEU A 185 19.76 -5.73 -6.99
CA LEU A 185 19.72 -4.63 -6.01
CA LEU A 185 19.72 -4.63 -6.01
C LEU A 185 19.28 -5.09 -4.63
C LEU A 185 19.33 -5.11 -4.62
N MET A 186 18.61 -6.23 -4.53
CA MET A 186 18.27 -6.79 -3.23
C MET A 186 19.54 -7.04 -2.43
N GLY A 187 20.65 -7.29 -3.11
CA GLY A 187 21.93 -7.49 -2.44
C GLY A 187 22.59 -6.21 -1.93
N HIS A 188 21.94 -5.06 -2.13
CA HIS A 188 22.37 -3.77 -1.61
C HIS A 188 21.65 -3.41 -0.32
N PHE A 189 20.91 -4.35 0.27
CA PHE A 189 20.24 -4.18 1.54
C PHE A 189 20.90 -5.10 2.56
N ALA A 190 20.66 -4.79 3.83
CA ALA A 190 21.18 -5.64 4.88
C ALA A 190 20.59 -7.03 4.80
N TRP A 191 19.36 -7.13 4.32
CA TRP A 191 18.66 -8.41 4.21
C TRP A 191 17.59 -8.27 3.14
N TRP A 192 17.16 -9.40 2.59
CA TRP A 192 16.15 -9.36 1.55
C TRP A 192 15.40 -10.68 1.55
N THR A 193 14.18 -10.68 1.01
CA THR A 193 13.49 -11.94 0.77
C THR A 193 12.45 -11.72 -0.30
N ALA A 194 11.79 -12.81 -0.68
CA ALA A 194 10.61 -12.81 -1.54
C ALA A 194 9.48 -13.37 -0.68
N PHE A 195 8.47 -12.55 -0.43
CA PHE A 195 7.39 -12.85 0.50
C PHE A 195 6.08 -13.08 -0.24
N VAL A 196 5.44 -14.20 0.04
CA VAL A 196 4.16 -14.57 -0.58
C VAL A 196 3.06 -14.45 0.47
N THR A 197 2.03 -13.63 0.20
CA THR A 197 0.94 -13.53 1.15
C THR A 197 0.13 -14.84 1.15
N ASN A 198 -0.37 -15.21 2.33
CA ASN A 198 -1.14 -16.45 2.42
C ASN A 198 -2.50 -16.33 1.76
N VAL A 199 -3.06 -15.12 1.68
CA VAL A 199 -4.33 -14.97 0.97
C VAL A 199 -4.16 -15.10 -0.52
N ASN A 200 -2.96 -14.90 -1.06
CA ASN A 200 -2.75 -15.03 -2.51
C ASN A 200 -1.76 -16.15 -2.81
N ALA A 201 -1.71 -17.16 -1.94
CA ALA A 201 -0.72 -18.22 -2.06
C ALA A 201 -0.85 -19.03 -3.34
N SER A 202 -2.00 -18.97 -4.01
CA SER A 202 -2.22 -19.67 -5.27
C SER A 202 -1.72 -18.89 -6.47
N SER A 203 -1.07 -17.76 -6.27
CA SER A 203 -0.53 -16.94 -7.33
C SER A 203 1.00 -16.99 -7.27
N SER A 204 1.66 -16.78 -8.41
CA SER A 204 3.12 -16.68 -8.36
C SER A 204 3.58 -15.30 -7.88
N GLU A 205 2.65 -14.40 -7.57
CA GLU A 205 3.03 -13.11 -6.98
C GLU A 205 3.92 -13.29 -5.77
N ALA A 206 4.86 -12.37 -5.61
CA ALA A 206 5.57 -12.20 -4.35
C ALA A 206 5.93 -10.74 -4.26
N PHE A 207 6.25 -10.30 -3.06
CA PHE A 207 6.84 -8.98 -2.83
C PHE A 207 8.32 -9.19 -2.57
N LEU A 208 9.16 -8.65 -3.45
CA LEU A 208 10.60 -8.62 -3.19
C LEU A 208 10.85 -7.53 -2.17
N ILE A 209 11.34 -7.91 -0.99
CA ILE A 209 11.49 -6.97 0.11
C ILE A 209 12.98 -6.77 0.34
N GLY A 210 13.41 -5.51 0.31
CA GLY A 210 14.78 -5.14 0.68
C GLY A 210 14.72 -4.40 1.98
N CYS A 211 15.45 -4.92 2.98
CA CYS A 211 15.37 -4.43 4.35
C CYS A 211 16.67 -3.70 4.71
N ASN A 212 16.56 -2.38 4.89
CA ASN A 212 17.64 -1.49 5.30
C ASN A 212 18.69 -1.33 4.20
N TYR A 213 18.54 -0.27 3.41
CA TYR A 213 19.35 -0.02 2.23
C TYR A 213 20.74 0.46 2.62
N LEU A 214 21.77 -0.10 2.00
CA LEU A 214 23.14 0.22 2.32
C LEU A 214 23.85 1.02 1.25
N GLY A 215 23.26 1.18 0.06
CA GLY A 215 23.86 2.02 -0.95
C GLY A 215 25.01 1.38 -1.70
N LYS A 216 25.27 0.11 -1.46
CA LYS A 216 26.37 -0.62 -2.08
C LYS A 216 26.09 -2.10 -1.91
N PRO A 217 26.69 -2.94 -2.75
CA PRO A 217 26.39 -4.38 -2.65
C PRO A 217 27.00 -4.95 -1.39
N ARG A 218 26.18 -5.58 -0.58
CA ARG A 218 26.67 -6.47 0.47
C ARG A 218 26.96 -7.85 -0.09
N GLU A 219 26.30 -8.18 -1.20
CA GLU A 219 26.25 -9.51 -1.75
C GLU A 219 26.04 -9.34 -3.23
N GLN A 220 26.71 -10.16 -4.04
CA GLN A 220 26.52 -10.11 -5.48
C GLN A 220 25.44 -11.13 -5.81
N ILE A 221 24.35 -10.66 -6.39
CA ILE A 221 23.23 -11.51 -6.76
C ILE A 221 23.08 -11.47 -8.26
N ASP A 222 23.01 -12.64 -8.87
CA ASP A 222 22.63 -12.79 -10.26
C ASP A 222 21.11 -12.91 -10.31
N GLY A 223 20.46 -11.92 -10.90
CA GLY A 223 19.01 -11.83 -10.89
C GLY A 223 18.32 -12.89 -11.72
N TYR A 224 18.93 -13.33 -12.81
CA TYR A 224 18.31 -14.39 -13.58
C TYR A 224 18.30 -15.69 -12.79
N VAL A 225 19.41 -15.98 -12.11
CA VAL A 225 19.48 -17.17 -11.28
C VAL A 225 18.53 -17.03 -10.10
N MET A 226 18.50 -15.86 -9.46
CA MET A 226 17.66 -15.76 -8.27
C MET A 226 16.18 -15.91 -8.62
N HIS A 227 15.74 -15.36 -9.75
CA HIS A 227 14.34 -15.56 -10.11
C HIS A 227 14.07 -17.04 -10.35
N ALA A 228 15.01 -17.72 -11.02
CA ALA A 228 14.86 -19.15 -11.21
C ALA A 228 14.75 -19.86 -9.88
N ASN A 229 15.55 -19.44 -8.90
CA ASN A 229 15.51 -20.02 -7.56
C ASN A 229 14.16 -19.79 -6.90
N TYR A 230 13.60 -18.58 -7.11
CA TYR A 230 12.27 -18.26 -6.59
C TYR A 230 11.21 -19.18 -7.20
N ILE A 231 11.21 -19.32 -8.50
CA ILE A 231 10.22 -20.19 -9.14
C ILE A 231 10.39 -21.63 -8.69
N PHE A 232 11.63 -22.07 -8.53
CA PHE A 232 11.87 -23.42 -8.02
C PHE A 232 11.27 -23.60 -6.64
N TRP A 233 11.52 -22.65 -5.74
CA TRP A 233 10.87 -22.68 -4.43
C TRP A 233 9.34 -22.79 -4.58
N ARG A 234 8.73 -21.88 -5.34
CA ARG A 234 7.27 -21.92 -5.48
C ARG A 234 6.80 -23.24 -6.08
N ASN A 235 7.54 -23.77 -7.06
CA ASN A 235 7.11 -24.96 -7.77
C ASN A 235 7.14 -26.19 -6.87
N THR A 236 7.99 -26.18 -5.84
CA THR A 236 8.17 -27.36 -5.02
C THR A 236 7.66 -27.19 -3.61
N ASN A 237 7.06 -26.03 -3.29
CA ASN A 237 6.55 -25.78 -1.95
C ASN A 237 5.16 -25.18 -2.05
N PRO A 238 4.16 -26.02 -2.25
CA PRO A 238 2.77 -25.53 -2.23
C PRO A 238 2.46 -24.80 -0.93
N ILE A 239 1.80 -23.66 -1.05
CA ILE A 239 1.38 -22.88 0.11
C ILE A 239 -0.13 -22.94 0.16
N GLN A 240 -0.68 -23.34 1.31
CA GLN A 240 -2.13 -23.42 1.42
C GLN A 240 -2.68 -22.01 1.64
N LEU A 241 -3.71 -21.68 0.90
CA LEU A 241 -4.39 -20.41 1.05
C LEU A 241 -4.84 -20.28 2.49
N SER A 242 -4.62 -19.10 3.07
CA SER A 242 -5.06 -18.85 4.43
C SER A 242 -5.36 -17.39 4.66
N SER A 243 -6.47 -17.11 5.33
N SER A 243 -6.48 -17.10 5.31
CA SER A 243 -6.85 -15.78 5.78
CA SER A 243 -6.84 -15.77 5.77
C SER A 243 -6.74 -15.64 7.30
C SER A 243 -6.75 -15.64 7.30
N TYR A 244 -6.21 -16.65 7.98
CA TYR A 244 -6.23 -16.65 9.44
C TYR A 244 -5.66 -15.36 10.04
N SER A 245 -4.53 -14.88 9.54
CA SER A 245 -3.87 -13.77 10.20
C SER A 245 -4.67 -12.47 10.12
N LEU A 246 -5.65 -12.41 9.23
CA LEU A 246 -6.45 -11.20 9.06
C LEU A 246 -7.32 -10.93 10.28
N PHE A 247 -7.61 -11.94 11.08
CA PHE A 247 -8.56 -11.74 12.16
C PHE A 247 -7.95 -11.15 13.42
N ASP A 248 -6.64 -11.13 13.57
CA ASP A 248 -6.05 -10.55 14.78
C ASP A 248 -5.21 -9.36 14.37
N MET A 249 -5.79 -8.17 14.56
CA MET A 249 -5.15 -6.90 14.25
C MET A 249 -4.66 -6.16 15.47
N SER A 250 -4.60 -6.83 16.64
CA SER A 250 -4.23 -6.13 17.86
C SER A 250 -2.79 -5.63 17.81
N LYS A 251 -1.91 -6.30 17.08
CA LYS A 251 -0.52 -5.88 16.97
C LYS A 251 -0.20 -5.30 15.60
N PHE A 252 -1.19 -4.80 14.89
CA PHE A 252 -0.97 -4.42 13.51
C PHE A 252 -0.16 -3.13 13.34
N PRO A 253 -0.41 -2.11 14.14
CA PRO A 253 0.24 -0.82 13.89
C PRO A 253 1.75 -0.93 13.90
N LEU A 254 2.37 -0.29 12.92
CA LEU A 254 3.82 -0.19 12.90
C LEU A 254 4.27 0.68 14.06
N LYS A 255 5.14 0.16 14.90
CA LYS A 255 5.55 0.88 16.10
C LYS A 255 6.42 2.07 15.73
N LEU A 256 6.14 3.23 16.31
CA LEU A 256 6.92 4.43 15.98
C LEU A 256 8.22 4.31 16.75
N ARG A 257 9.27 3.89 16.05
N ARG A 257 9.28 3.88 16.07
CA ARG A 257 10.58 3.72 16.66
CA ARG A 257 10.58 3.74 16.71
C ARG A 257 11.29 5.05 16.87
C ARG A 257 11.24 5.09 16.96
N GLY A 258 10.84 6.13 16.23
CA GLY A 258 11.53 7.40 16.34
C GLY A 258 12.95 7.33 15.85
N THR A 259 13.20 6.51 14.83
CA THR A 259 14.54 6.28 14.31
C THR A 259 15.22 7.59 13.96
N ALA A 260 16.50 7.68 14.33
CA ALA A 260 17.27 8.88 14.05
C ALA A 260 17.48 9.06 12.56
N VAL A 261 17.39 10.31 12.11
CA VAL A 261 17.66 10.74 10.74
C VAL A 261 18.85 11.68 10.79
N MET A 262 19.88 11.37 10.02
CA MET A 262 21.07 12.20 9.91
C MET A 262 21.38 12.42 8.45
N SER A 263 21.96 13.55 8.13
CA SER A 263 22.59 13.73 6.83
C SER A 263 24.08 13.44 6.99
N LEU A 264 24.63 12.68 6.06
CA LEU A 264 26.04 12.30 6.13
C LEU A 264 26.58 12.25 4.72
N LYS A 265 27.84 12.65 4.57
CA LYS A 265 28.57 12.57 3.32
C LYS A 265 29.05 11.14 3.09
N GLU A 266 29.29 10.79 1.82
CA GLU A 266 29.62 9.41 1.51
C GLU A 266 30.89 8.95 2.23
N GLY A 267 31.80 9.87 2.55
CA GLY A 267 32.98 9.50 3.29
C GLY A 267 32.73 9.09 4.73
N GLN A 268 31.62 9.55 5.31
CA GLN A 268 31.35 9.32 6.72
C GLN A 268 30.65 8.00 7.00
N ILE A 269 30.31 7.21 5.97
CA ILE A 269 29.59 5.97 6.17
C ILE A 269 30.58 4.87 6.53
N ASN A 270 30.97 4.78 7.79
CA ASN A 270 31.92 3.81 8.25
C ASN A 270 31.20 2.52 8.64
N ASP A 271 31.95 1.56 9.16
CA ASP A 271 31.38 0.25 9.47
C ASP A 271 30.43 0.32 10.66
N MET A 272 30.61 1.29 11.56
CA MET A 272 29.67 1.41 12.67
C MET A 272 28.36 2.02 12.19
N ILE A 273 28.43 2.97 11.26
CA ILE A 273 27.22 3.51 10.66
C ILE A 273 26.47 2.42 9.92
N LEU A 274 27.19 1.68 9.07
CA LEU A 274 26.59 0.59 8.34
C LEU A 274 25.94 -0.40 9.29
N SER A 275 26.49 -0.57 10.48
CA SER A 275 25.89 -1.51 11.42
C SER A 275 24.57 -0.97 11.96
N LEU A 276 24.51 0.33 12.24
CA LEU A 276 23.26 0.94 12.68
C LEU A 276 22.22 0.89 11.57
N LEU A 277 22.63 1.17 10.34
CA LEU A 277 21.71 1.04 9.21
C LEU A 277 21.12 -0.35 9.14
N SER A 278 21.97 -1.36 9.32
CA SER A 278 21.59 -2.76 9.18
C SER A 278 20.67 -3.23 10.26
N LYS A 279 20.52 -2.47 11.34
CA LYS A 279 19.70 -2.85 12.48
C LYS A 279 18.42 -2.05 12.52
N GLY A 280 18.16 -1.24 11.51
CA GLY A 280 16.98 -0.42 11.57
C GLY A 280 17.07 0.74 12.54
N ARG A 281 18.29 1.15 12.88
CA ARG A 281 18.45 2.16 13.92
C ARG A 281 18.87 3.52 13.37
N LEU A 282 18.88 3.67 12.03
CA LEU A 282 19.38 4.92 11.45
C LEU A 282 18.85 5.09 10.03
N ILE A 283 18.44 6.32 9.72
CA ILE A 283 18.10 6.74 8.37
C ILE A 283 19.06 7.85 7.95
N ILE A 284 19.60 7.77 6.74
CA ILE A 284 20.51 8.81 6.26
C ILE A 284 19.91 9.45 5.03
N ARG A 285 19.61 10.75 5.14
CA ARG A 285 19.03 11.55 4.08
C ARG A 285 18.83 12.97 4.61
N GLU A 286 18.67 13.89 3.68
CA GLU A 286 18.15 15.21 4.03
C GLU A 286 16.81 15.09 4.71
N ASN A 287 16.48 16.09 5.50
CA ASN A 287 15.17 16.17 6.13
C ASN A 287 14.49 17.48 5.77
N ASN A 288 14.63 17.89 4.52
CA ASN A 288 13.98 19.08 4.01
C ASN A 288 12.50 18.82 3.75
N ARG A 289 11.81 19.85 3.30
CA ARG A 289 10.41 19.70 2.92
C ARG A 289 10.33 18.74 1.74
N VAL A 290 9.23 18.02 1.65
CA VAL A 290 9.02 17.01 0.62
C VAL A 290 8.25 17.62 -0.54
N VAL A 291 8.84 17.58 -1.72
CA VAL A 291 8.27 18.15 -2.93
C VAL A 291 8.33 17.12 -4.03
N ILE A 292 7.22 16.97 -4.75
CA ILE A 292 7.08 15.98 -5.82
C ILE A 292 6.46 16.69 -7.02
N SER A 293 6.57 16.07 -8.19
CA SER A 293 5.93 16.63 -9.36
C SER A 293 5.74 15.54 -10.40
N SER A 294 4.82 15.82 -11.34
CA SER A 294 4.51 14.95 -12.47
C SER A 294 4.83 15.71 -13.76
N ASP A 295 5.63 15.10 -14.63
CA ASP A 295 5.89 15.71 -15.93
C ASP A 295 4.64 15.72 -16.78
N VAL A 296 4.39 16.86 -17.45
CA VAL A 296 3.20 17.08 -18.27
C VAL A 296 3.66 17.38 -19.69
N LEU A 297 3.26 16.54 -20.63
CA LEU A 297 3.60 16.74 -22.03
C LEU A 297 2.62 17.72 -22.65
N VAL A 298 3.14 18.75 -23.28
CA VAL A 298 2.32 19.80 -23.86
C VAL A 298 2.25 19.60 -25.37
N ASN A 299 1.04 19.60 -25.91
CA ASN A 299 0.89 19.59 -27.35
C ASN A 299 -0.47 20.14 -27.72
N ASN A 300 -0.51 20.73 -28.89
CA ASN A 300 -1.70 21.34 -29.44
C ASN A 300 -2.08 20.55 -30.67
N GLU A 301 -3.23 19.89 -30.62
CA GLU A 301 -3.69 18.96 -31.63
C GLU A 301 -4.47 19.64 -32.75
N ASN A 302 -4.71 20.95 -32.66
CA ASN A 302 -5.43 21.66 -33.71
C ASN A 302 -4.55 21.88 -34.94
N LEU A 303 -5.19 21.81 -36.10
CA LEU A 303 -4.49 21.66 -37.40
C LEU A 303 -3.38 20.62 -37.36
N CYS B 18 -25.62 34.71 -11.29
CA CYS B 18 -25.92 33.29 -11.53
C CYS B 18 -25.77 32.41 -10.29
N ALA B 19 -26.87 31.83 -9.86
CA ALA B 19 -26.91 31.00 -8.66
C ALA B 19 -26.74 29.51 -8.97
N PHE B 20 -26.48 29.12 -10.21
CA PHE B 20 -26.50 27.70 -10.54
C PHE B 20 -25.35 26.97 -9.86
N ALA B 21 -25.69 25.80 -9.31
CA ALA B 21 -24.72 24.94 -8.66
C ALA B 21 -25.25 23.51 -8.73
N VAL B 22 -24.42 22.58 -9.17
CA VAL B 22 -24.80 21.17 -9.11
C VAL B 22 -25.00 20.78 -7.64
N ASP B 23 -26.10 20.10 -7.36
CA ASP B 23 -26.40 19.58 -6.02
C ASP B 23 -26.23 18.07 -6.07
N ALA B 24 -25.01 17.60 -5.84
CA ALA B 24 -24.76 16.17 -5.91
C ALA B 24 -25.34 15.43 -4.72
N ALA B 25 -25.27 16.05 -3.53
CA ALA B 25 -25.88 15.43 -2.35
C ALA B 25 -27.34 15.14 -2.60
N LYS B 26 -28.10 16.15 -3.02
CA LYS B 26 -29.52 15.94 -3.29
C LYS B 26 -29.71 14.90 -4.38
N ALA B 27 -28.86 14.92 -5.41
CA ALA B 27 -29.00 13.96 -6.50
C ALA B 27 -28.85 12.52 -5.98
N TYR B 28 -27.88 12.28 -5.09
CA TYR B 28 -27.68 10.92 -4.58
C TYR B 28 -28.80 10.53 -3.64
N LYS B 29 -29.22 11.45 -2.77
CA LYS B 29 -30.35 11.17 -1.89
C LYS B 29 -31.60 10.81 -2.69
N ASP B 30 -31.86 11.55 -3.77
CA ASP B 30 -33.02 11.26 -4.61
C ASP B 30 -32.85 9.94 -5.33
N TYR B 31 -31.66 9.69 -5.88
CA TYR B 31 -31.37 8.41 -6.52
C TYR B 31 -31.60 7.24 -5.56
N LEU B 32 -31.15 7.36 -4.33
CA LEU B 32 -31.39 6.28 -3.36
C LEU B 32 -32.87 6.11 -3.10
N ALA B 33 -33.56 7.22 -2.80
CA ALA B 33 -35.00 7.19 -2.55
C ALA B 33 -35.75 6.50 -3.69
N SER B 34 -35.29 6.67 -4.91
CA SER B 34 -35.90 6.06 -6.07
C SER B 34 -35.53 4.60 -6.25
N GLY B 35 -34.75 4.01 -5.35
CA GLY B 35 -34.39 2.61 -5.43
C GLY B 35 -33.05 2.29 -6.05
N GLY B 36 -32.18 3.27 -6.28
CA GLY B 36 -30.89 2.98 -6.89
C GLY B 36 -29.95 2.25 -5.95
N GLN B 37 -29.07 1.44 -6.54
CA GLN B 37 -28.08 0.71 -5.75
C GLN B 37 -27.05 1.68 -5.17
N PRO B 38 -26.72 1.58 -3.88
CA PRO B 38 -25.74 2.49 -3.28
C PRO B 38 -24.38 2.40 -3.96
N ILE B 39 -23.64 3.50 -3.88
CA ILE B 39 -22.26 3.47 -4.32
C ILE B 39 -21.54 2.33 -3.61
N THR B 40 -20.72 1.62 -4.36
CA THR B 40 -20.00 0.46 -3.89
C THR B 40 -18.49 0.69 -3.92
N ASN B 41 -17.75 -0.36 -3.56
CA ASN B 41 -16.29 -0.35 -3.52
C ASN B 41 -15.74 0.65 -2.53
N CYS B 42 -16.53 1.00 -1.52
CA CYS B 42 -15.96 1.64 -0.35
C CYS B 42 -14.98 0.66 0.29
N VAL B 43 -13.87 1.18 0.79
CA VAL B 43 -12.73 0.35 1.20
C VAL B 43 -12.89 0.03 2.68
N LYS B 44 -13.33 -1.20 2.99
CA LYS B 44 -13.48 -1.60 4.39
C LYS B 44 -12.17 -2.12 4.97
N MET B 45 -11.82 -1.69 6.17
CA MET B 45 -10.56 -2.07 6.78
C MET B 45 -10.73 -3.22 7.75
N LEU B 46 -9.66 -3.98 7.87
CA LEU B 46 -9.53 -4.96 8.94
C LEU B 46 -9.15 -4.22 10.21
N CYS B 47 -9.83 -4.54 11.32
CA CYS B 47 -9.51 -3.85 12.55
C CYS B 47 -9.98 -4.71 13.72
N THR B 48 -9.67 -4.26 14.94
CA THR B 48 -10.00 -5.04 16.13
C THR B 48 -11.48 -4.98 16.46
N HIS B 49 -12.16 -3.92 16.05
CA HIS B 49 -13.53 -3.64 16.47
C HIS B 49 -13.63 -3.47 17.98
N THR B 50 -12.56 -2.90 18.57
CA THR B 50 -12.56 -2.49 19.97
C THR B 50 -12.10 -1.05 20.10
N GLY B 51 -12.38 -0.23 19.10
CA GLY B 51 -11.96 1.16 19.11
C GLY B 51 -12.97 2.06 19.80
N THR B 52 -12.70 3.36 19.74
CA THR B 52 -13.50 4.34 20.44
C THR B 52 -14.91 4.45 19.87
N GLY B 53 -15.11 4.11 18.60
CA GLY B 53 -16.41 4.32 17.97
C GLY B 53 -16.67 5.73 17.51
N GLN B 54 -15.71 6.63 17.65
CA GLN B 54 -15.89 7.95 17.09
C GLN B 54 -16.06 7.86 15.58
N ALA B 55 -16.64 8.93 15.02
CA ALA B 55 -17.12 8.89 13.65
C ALA B 55 -15.98 8.91 12.62
N ILE B 56 -15.07 9.86 12.74
CA ILE B 56 -14.03 10.07 11.73
C ILE B 56 -12.73 10.21 12.47
N THR B 57 -11.77 9.32 12.19
CA THR B 57 -10.58 9.20 13.01
C THR B 57 -9.33 9.05 12.16
N VAL B 58 -8.16 9.19 12.79
CA VAL B 58 -6.91 9.10 12.03
C VAL B 58 -6.49 7.67 11.74
N THR B 59 -7.09 6.72 12.41
CA THR B 59 -6.83 5.29 12.25
C THR B 59 -8.16 4.61 12.53
N PRO B 60 -8.40 3.42 11.98
CA PRO B 60 -9.68 2.75 12.23
C PRO B 60 -9.99 2.65 13.71
N GLU B 61 -11.23 3.03 14.07
CA GLU B 61 -11.67 3.04 15.46
C GLU B 61 -13.03 2.37 15.61
N ALA B 62 -13.39 1.49 14.70
CA ALA B 62 -14.68 0.81 14.82
C ALA B 62 -14.83 0.13 16.17
N ASN B 63 -16.02 0.20 16.76
CA ASN B 63 -16.33 -0.61 17.90
C ASN B 63 -17.08 -1.84 17.40
N MET B 64 -17.69 -2.60 18.32
CA MET B 64 -18.28 -3.88 17.96
C MET B 64 -19.50 -3.72 17.07
N ASP B 65 -20.09 -2.52 17.06
CA ASP B 65 -21.28 -2.23 16.30
C ASP B 65 -20.97 -1.50 14.99
N GLN B 66 -19.70 -1.42 14.57
CA GLN B 66 -19.30 -0.58 13.46
C GLN B 66 -18.32 -1.31 12.55
N GLU B 67 -18.25 -0.82 11.31
CA GLU B 67 -17.20 -1.14 10.36
C GLU B 67 -16.41 0.14 10.10
N SER B 68 -15.09 0.00 9.90
CA SER B 68 -14.24 1.14 9.55
C SER B 68 -13.91 1.09 8.07
N PHE B 69 -13.90 2.26 7.43
CA PHE B 69 -13.64 2.38 5.99
C PHE B 69 -12.61 3.47 5.74
N GLY B 70 -11.82 3.29 4.69
CA GLY B 70 -11.01 4.39 4.20
C GLY B 70 -11.89 5.56 3.81
N GLY B 71 -11.55 6.74 4.32
CA GLY B 71 -12.47 7.87 4.22
C GLY B 71 -12.73 8.35 2.80
N ALA B 72 -11.67 8.48 2.00
CA ALA B 72 -11.88 9.01 0.65
C ALA B 72 -12.90 8.19 -0.10
N SER B 73 -12.86 6.86 0.07
CA SER B 73 -13.75 6.00 -0.69
C SER B 73 -15.20 6.12 -0.26
N CYS B 74 -15.45 6.77 0.88
CA CYS B 74 -16.80 6.97 1.38
C CYS B 74 -17.31 8.39 1.18
N CYS B 75 -16.58 9.22 0.44
CA CYS B 75 -16.91 10.62 0.29
C CYS B 75 -17.55 10.82 -1.08
N LEU B 76 -18.78 11.30 -1.08
CA LEU B 76 -19.48 11.48 -2.33
C LEU B 76 -18.67 12.34 -3.30
N TYR B 77 -18.07 13.40 -2.78
CA TYR B 77 -17.39 14.35 -3.63
C TYR B 77 -16.09 13.77 -4.19
N CYS B 78 -15.30 13.13 -3.33
CA CYS B 78 -14.15 12.36 -3.81
C CYS B 78 -14.57 11.37 -4.89
N ARG B 79 -15.59 10.55 -4.61
CA ARG B 79 -15.90 9.46 -5.51
C ARG B 79 -16.47 9.93 -6.83
N CYS B 80 -17.16 11.08 -6.84
CA CYS B 80 -17.79 11.58 -8.05
C CYS B 80 -16.92 12.57 -8.80
N HIS B 81 -15.75 12.89 -8.28
CA HIS B 81 -14.84 13.83 -8.92
C HIS B 81 -15.52 15.19 -9.07
N ILE B 82 -16.03 15.69 -7.95
CA ILE B 82 -16.68 16.99 -7.92
C ILE B 82 -16.15 17.79 -6.74
N ASP B 83 -16.32 19.10 -6.82
CA ASP B 83 -15.76 19.98 -5.80
C ASP B 83 -16.43 19.73 -4.44
N HIS B 84 -15.67 19.86 -3.41
CA HIS B 84 -16.25 19.64 -2.10
C HIS B 84 -16.99 20.91 -1.66
N PRO B 85 -18.14 20.76 -1.00
CA PRO B 85 -19.03 21.89 -0.69
C PRO B 85 -18.53 22.71 0.50
N ASN B 86 -17.52 23.52 0.23
CA ASN B 86 -16.76 24.22 1.25
C ASN B 86 -16.01 25.26 0.44
N PRO B 87 -15.91 26.51 0.92
CA PRO B 87 -15.09 27.48 0.17
C PRO B 87 -13.66 27.02 -0.02
N LYS B 88 -13.10 26.36 1.00
CA LYS B 88 -11.76 25.81 0.91
C LYS B 88 -11.69 24.61 -0.04
N GLY B 89 -12.80 23.91 -0.22
CA GLY B 89 -12.77 22.64 -0.93
C GLY B 89 -12.10 21.52 -0.18
N PHE B 90 -11.96 21.65 1.14
CA PHE B 90 -11.32 20.65 1.98
C PHE B 90 -12.27 19.47 2.19
N CYS B 91 -11.68 18.29 2.40
CA CYS B 91 -12.44 17.06 2.62
C CYS B 91 -12.23 16.61 4.05
N ASP B 92 -13.33 16.39 4.78
CA ASP B 92 -13.22 15.93 6.16
C ASP B 92 -13.07 14.41 6.26
N LEU B 93 -13.02 13.69 5.14
CA LEU B 93 -12.90 12.23 5.15
C LEU B 93 -11.59 11.71 4.57
N LYS B 94 -11.14 12.28 3.45
CA LYS B 94 -9.89 11.89 2.83
C LYS B 94 -8.73 11.83 3.82
N GLY B 95 -8.01 10.73 3.80
CA GLY B 95 -6.83 10.63 4.66
C GLY B 95 -7.12 10.17 6.07
N LYS B 96 -8.38 9.90 6.37
CA LYS B 96 -8.85 9.48 7.67
C LYS B 96 -9.65 8.20 7.49
N TYR B 97 -10.24 7.70 8.58
CA TYR B 97 -11.10 6.52 8.54
C TYR B 97 -12.47 6.91 9.10
N VAL B 98 -13.52 6.37 8.49
CA VAL B 98 -14.88 6.67 8.92
C VAL B 98 -15.49 5.40 9.48
N GLN B 99 -16.09 5.52 10.65
CA GLN B 99 -16.78 4.40 11.28
C GLN B 99 -18.25 4.46 10.90
N ILE B 100 -18.78 3.35 10.42
CA ILE B 100 -20.14 3.26 9.92
C ILE B 100 -20.84 2.17 10.72
N PRO B 101 -21.98 2.46 11.33
CA PRO B 101 -22.80 1.39 11.91
C PRO B 101 -22.91 0.20 11.00
N THR B 102 -22.71 -1.00 11.55
CA THR B 102 -22.80 -2.20 10.73
C THR B 102 -24.12 -2.28 10.00
N THR B 103 -25.21 -1.81 10.62
CA THR B 103 -26.50 -1.87 9.95
C THR B 103 -26.60 -0.93 8.75
N CYS B 104 -25.73 0.09 8.66
CA CYS B 104 -25.76 0.99 7.51
C CYS B 104 -24.56 0.81 6.60
N ALA B 105 -23.72 -0.21 6.81
CA ALA B 105 -22.49 -0.34 6.04
C ALA B 105 -22.72 -0.75 4.60
N ASN B 106 -23.96 -1.01 4.18
CA ASN B 106 -24.21 -1.24 2.76
C ASN B 106 -24.18 0.05 1.95
N ASP B 107 -24.20 1.21 2.61
CA ASP B 107 -24.18 2.50 1.90
C ASP B 107 -23.39 3.49 2.73
N PRO B 108 -22.08 3.33 2.81
CA PRO B 108 -21.28 4.27 3.59
C PRO B 108 -21.35 5.69 3.04
N VAL B 109 -21.46 5.86 1.72
CA VAL B 109 -21.49 7.21 1.19
C VAL B 109 -22.78 7.91 1.60
N GLY B 110 -23.91 7.23 1.46
CA GLY B 110 -25.16 7.78 1.98
C GLY B 110 -25.09 8.10 3.45
N PHE B 111 -24.49 7.21 4.24
CA PHE B 111 -24.45 7.45 5.68
C PHE B 111 -23.69 8.72 5.99
N THR B 112 -22.48 8.89 5.42
CA THR B 112 -21.69 10.08 5.76
C THR B 112 -22.38 11.33 5.27
N LEU B 113 -23.08 11.23 4.15
CA LEU B 113 -23.72 12.40 3.58
C LEU B 113 -24.86 12.88 4.46
N LYS B 114 -25.68 11.95 4.95
CA LYS B 114 -26.89 12.25 5.69
C LYS B 114 -26.67 12.57 7.16
N ASN B 115 -25.58 12.10 7.74
CA ASN B 115 -25.43 12.21 9.18
C ASN B 115 -24.38 13.25 9.53
N THR B 116 -24.38 13.63 10.80
N THR B 116 -24.32 13.54 10.82
CA THR B 116 -23.50 14.69 11.29
CA THR B 116 -23.55 14.66 11.34
C THR B 116 -22.78 14.22 12.54
C THR B 116 -22.77 14.21 12.57
N VAL B 117 -21.55 14.70 12.69
CA VAL B 117 -20.70 14.35 13.82
C VAL B 117 -20.88 15.39 14.92
N CYS B 118 -21.02 14.92 16.16
CA CYS B 118 -21.08 15.82 17.30
C CYS B 118 -19.71 16.49 17.52
N THR B 119 -19.69 17.81 17.50
CA THR B 119 -18.46 18.57 17.71
C THR B 119 -17.91 18.42 19.12
N VAL B 120 -18.68 17.83 20.04
CA VAL B 120 -18.24 17.73 21.43
C VAL B 120 -17.56 16.41 21.71
N CYS B 121 -18.25 15.31 21.41
CA CYS B 121 -17.75 13.97 21.73
C CYS B 121 -17.20 13.20 20.53
N GLY B 122 -17.37 13.70 19.31
CA GLY B 122 -16.86 13.05 18.12
C GLY B 122 -17.64 11.84 17.65
N MET B 123 -18.71 11.48 18.34
CA MET B 123 -19.59 10.41 17.92
C MET B 123 -20.56 10.92 16.87
N TRP B 124 -21.15 9.99 16.11
CA TRP B 124 -22.22 10.37 15.19
C TRP B 124 -23.45 10.77 16.00
N LYS B 125 -24.03 11.91 15.68
CA LYS B 125 -25.35 12.23 16.24
C LYS B 125 -26.31 11.15 15.80
N GLY B 126 -26.98 10.53 16.76
CA GLY B 126 -27.94 9.50 16.48
C GLY B 126 -27.35 8.11 16.43
N TYR B 127 -26.03 7.99 16.44
CA TYR B 127 -25.38 6.70 16.32
C TYR B 127 -24.15 6.65 17.23
N GLY B 128 -24.35 7.09 18.47
CA GLY B 128 -23.33 7.00 19.50
C GLY B 128 -23.20 8.26 20.32
N CYS B 129 -23.61 9.41 19.81
CA CYS B 129 -23.55 10.62 20.62
C CYS B 129 -24.60 10.51 21.72
N SER B 130 -24.17 10.65 22.97
CA SER B 130 -25.07 10.63 24.12
C SER B 130 -25.10 11.97 24.83
N CYS B 131 -24.56 13.01 24.21
CA CYS B 131 -24.45 14.30 24.87
C CYS B 131 -25.81 14.82 25.33
N ASP B 132 -26.86 14.59 24.55
CA ASP B 132 -28.18 15.12 24.89
C ASP B 132 -28.93 14.31 25.94
N GLN B 133 -28.44 13.13 26.34
CA GLN B 133 -29.14 12.36 27.37
C GLN B 133 -28.86 12.95 28.75
C TO1 C . -0.46 0.23 -12.56
C TO1 C . -0.59 0.19 -12.70
N TO1 C . 0.63 0.35 -13.49
N TO1 C . 0.49 0.29 -13.64
O TO1 C . -0.21 -1.04 -11.57
O TO1 C . -0.26 -1.00 -11.61
C2 TO1 C . 1.42 1.43 -13.62
C2 TO1 C . 1.31 1.35 -13.70
N2 TO1 C . 1.44 2.63 -13.00
N2 TO1 C . 1.37 2.49 -12.97
O2 TO1 C . -2.37 1.06 -13.67
O2 TO1 C . -2.50 0.97 -13.75
C3 TO1 C . 2.37 3.58 -13.34
C3 TO1 C . 2.32 3.44 -13.21
N3 TO1 C . 3.24 3.40 -14.28
N3 TO1 C . 3.20 3.29 -14.16
O3 TO1 C . -3.34 0.04 -11.47
O3 TO1 C . -3.42 0.05 -11.53
C4 TO1 C . 3.27 2.24 -14.98
C4 TO1 C . 3.21 2.19 -14.96
N4 TO1 C . 3.41 -1.25 -17.10
N4 TO1 C . 3.17 -1.26 -17.35
O4 TO1 C . -2.86 -2.89 -9.98
O4 TO1 C . -0.94 -3.42 -11.27
C5 TO1 C . 2.33 1.21 -14.64
C5 TO1 C . 2.22 1.17 -14.71
N5 TO1 C . 4.28 2.06 -16.04
N5 TO1 C . 4.21 2.05 -16.03
C6 TO1 C . 2.06 -0.11 -15.11
C6 TO1 C . 1.89 -0.12 -15.29
C7 TO1 C . 1.02 -0.60 -14.38
C7 TO1 C . 0.83 -0.62 -14.61
C8 TO1 C . 2.83 -0.81 -16.27
C8 TO1 C . 2.62 -0.79 -16.49
C9 TO1 C . -1.60 -0.10 -13.16
C9 TO1 C . -1.73 -0.18 -13.23
C10 TO1 C . -2.47 -0.80 -12.06
C10 TO1 C . -2.51 -0.81 -12.04
C11 TO1 C . -1.38 -1.28 -11.02
C11 TO1 C . -1.39 -1.12 -10.97
C12 TO1 C . -1.66 -2.79 -10.72
C12 TO1 C . -1.57 -2.55 -10.42
H TO1 C . -0.56 1.23 -11.99
H TO1 C . -0.71 1.22 -12.21
HO2 TO1 C . -2.36 1.05 -14.68
HO2 TO1 C . -2.33 1.07 -14.75
H3 TO1 C . 2.38 4.51 -12.80
H3 TO1 C . 2.35 4.32 -12.61
HO3 TO1 C . -3.85 -0.43 -10.87
HO3 TO1 C . -3.84 -0.33 -10.82
HO4 TO1 C . -3.02 -3.85 -9.72
HO4 TO1 C . -1.07 -3.11 -12.22
HN5 TO1 C . 4.04 1.55 -16.92
HN5 TO1 C . 3.98 1.53 -16.90
HN5A TO1 C . 5.24 2.45 -15.91
HN5A TO1 C . 5.15 2.45 -15.91
H7 TO1 C . 0.60 -1.57 -14.50
H7 TO1 C . 0.35 -1.54 -14.79
H9 TO1 C . -1.33 -0.79 -14.02
H9 TO1 C . -1.54 -0.92 -14.07
H10 TO1 C . -2.99 -1.59 -12.49
H10 TO1 C . -2.99 -1.68 -12.34
H11 TO1 C . -1.38 -0.68 -10.04
H11 TO1 C . -1.42 -0.35 -10.11
H12 TO1 C . -0.81 -3.22 -10.13
H12 TO1 C . -2.66 -2.80 -10.37
H12A TO1 C . -1.77 -3.35 -11.69
H12A TO1 C . -1.11 -2.62 -9.40
N2 GTA D . -1.53 -23.46 -15.45
O6 GTA D . 0.91 -21.87 -11.76
C6 GTA D . 0.51 -21.63 -12.86
C5 GTA D . 0.82 -20.38 -13.65
N7 GTA D . 1.50 -19.27 -13.39
C7 GTA D . 2.17 -19.04 -12.13
C8 GTA D . 1.46 -18.47 -14.46
N9 GTA D . 0.73 -19.07 -15.42
C4 GTA D . 0.33 -20.23 -14.94
N3 GTA D . -0.49 -21.24 -15.61
C2 GTA D . -0.75 -22.43 -14.85
N1 GTA D . -0.25 -22.62 -13.54
O3A GTA D . -1.54 -15.75 -17.09
C1A GTA D . 0.37 -18.61 -16.75
C2A GTA D . -0.80 -18.05 -16.85
C3A GTA D . -0.59 -16.58 -16.59
C4A GTA D . 0.77 -16.39 -17.32
C5A GTA D . 1.51 -15.15 -16.69
O4A GTA D . 1.44 -17.47 -17.08
O2A GTA D . -1.24 -18.15 -18.29
P1 GTA D . 1.85 -14.14 -14.36
O11 GTA D . 3.25 -13.60 -14.37
O12 GTA D . 0.77 -13.17 -14.70
O13 GTA D . 1.68 -14.86 -12.93
O15 GTA D . 1.77 -15.46 -15.35
P2 GTA D . 0.29 -15.32 -12.24
O22 GTA D . 0.70 -16.14 -11.04
O21 GTA D . -0.72 -15.92 -13.14
O23 GTA D . -0.31 -13.92 -11.73
P3 GTA D . -1.80 -13.60 -11.19
O32 GTA D . -2.83 -13.69 -12.29
O31 GTA D . -2.08 -14.45 -9.97
O33 GTA D . -1.60 -12.01 -10.84
C5B GTA D . -0.90 -11.73 -9.65
C4B GTA D . -1.36 -10.34 -9.24
O4B GTA D . -0.97 -9.38 -10.46
C3B GTA D . -2.66 -10.20 -9.11
O3B GTA D . -3.08 -10.55 -7.71
C2B GTA D . -2.88 -8.73 -9.33
O2B GTA D . -2.49 -8.07 -8.19
C1B GTA D . -1.87 -8.46 -10.48
N9C GTA D . -2.61 -8.55 -11.76
C8C GTA D . -2.85 -9.63 -12.50
N7C GTA D . -3.56 -9.28 -13.59
C5C GTA D . -3.75 -7.94 -13.51
C6C GTA D . -4.40 -6.98 -14.30
N6C GTA D . -5.04 -7.38 -15.54
N1C GTA D . -4.41 -5.71 -13.94
C2C GTA D . -3.83 -5.31 -12.82
N3C GTA D . -3.22 -6.18 -12.03
C4C GTA D . -3.16 -7.49 -12.36
HN21 GTA D . -1.73 -24.29 -14.91
HN22 GTA D . -1.89 -23.36 -16.38
H71 GTA D . 1.44 -18.78 -11.37
H72 GTA D . 2.89 -18.23 -12.24
H73 GTA D . 2.69 -19.95 -11.83
H8 GTA D . 1.93 -17.51 -14.54
HN1 GTA D . -0.44 -23.48 -13.06
HO3A GTA D . -2.40 -16.07 -16.87
H1A GTA D . 0.35 -19.44 -17.45
H2A GTA D . -1.49 -18.51 -16.15
H3A GTA D . -0.58 -16.38 -15.52
H4A GTA D . 0.63 -16.26 -18.39
H5A1 GTA D . 2.42 -14.95 -17.22
H5A2 GTA D . 0.86 -14.28 -16.75
HO2A GTA D . -2.12 -18.50 -18.32
H5B1 GTA D . 0.17 -11.73 -9.82
H5B2 GTA D . -1.15 -12.44 -8.88
H4B GTA D . -0.92 -10.06 -8.29
H3B GTA D . -3.20 -10.81 -9.83
HO3B GTA D . -3.89 -11.04 -7.74
H2B GTA D . -3.89 -8.45 -9.59
HO2B GTA D . -2.77 -7.17 -8.25
H1B GTA D . -1.39 -7.49 -10.31
H8C GTA D . -2.52 -10.63 -12.26
HN61 GTA D . -4.52 -7.91 -16.22
HN62 GTA D . -5.99 -7.13 -15.72
H2C GTA D . -3.85 -4.27 -12.54
PA MGP E . 15.55 -15.36 10.77
O1A MGP E . 14.46 -15.35 9.77
O2A MGP E . 15.41 -14.20 11.71
O3A MGP E . 15.45 -16.74 11.68
O5' MGP E . 16.96 -15.23 9.95
C5' MGP E . 18.19 -15.42 10.68
C4' MGP E . 19.14 -14.25 10.38
O4' MGP E . 18.68 -13.63 8.93
C3' MGP E . 19.02 -13.31 11.19
O3' MGP E . 19.90 -13.41 12.37
C2' MGP E . 19.47 -11.93 10.29
O2' MGP E . 20.88 -11.78 10.18
C1' MGP E . 18.87 -12.12 9.13
N9 MGP E . 17.58 -11.43 9.22
C8 MGP E . 16.35 -11.97 9.32
N7 MGP E . 15.47 -10.99 9.43
CM7 MGP E . 14.04 -11.15 9.56
C5 MGP E . 16.14 -9.83 9.39
C6 MGP E . 15.71 -8.36 9.47
O6 MGP E . 14.59 -8.11 9.61
N1 MGP E . 16.68 -7.31 9.43
C2 MGP E . 18.08 -7.64 9.30
N2 MGP E . 19.07 -6.60 9.25
N3 MGP E . 18.51 -9.06 9.21
C4 MGP E . 17.47 -10.11 9.27
H5' MGP E . 17.97 -15.45 11.76
H5'A MGP E . 18.65 -16.37 10.38
H4' MGP E . 20.16 -14.59 10.41
H3' MGP E . 18.00 -13.28 11.54
HO3' MGP E . 20.68 -12.88 12.25
H2' MGP E . 19.11 -11.03 10.77
HO2' MGP E . 21.09 -10.85 10.18
H1' MGP E . 19.48 -11.78 8.28
H8 MGP E . 16.12 -13.04 9.32
HM7 MGP E . 13.58 -11.04 8.58
HM7A MGP E . 13.82 -12.15 9.96
HM7B MGP E . 13.65 -10.40 10.24
HN1 MGP E . 16.39 -6.37 9.49
HN2 MGP E . 20.05 -6.84 9.14
HN2A MGP E . 18.79 -5.64 9.29
C1 EDO F . -20.56 -4.96 4.71
O1 EDO F . -19.58 -4.10 4.15
C2 EDO F . -20.08 -6.40 4.52
O2 EDO F . -20.43 -6.93 3.22
H11 EDO F . -21.52 -4.80 4.20
H12 EDO F . -20.71 -4.74 5.76
HO1 EDO F . -19.84 -3.17 4.29
H21 EDO F . -20.53 -7.02 5.29
H22 EDO F . -19.00 -6.43 4.64
HO2 EDO F . -20.16 -7.85 3.18
ZN ZN G . -13.89 13.96 -0.23
ZN ZN H . -21.92 14.27 21.48
C1 EDO I . -20.53 14.77 7.78
O1 EDO I . -21.70 14.51 6.97
C2 EDO I . -19.28 14.07 7.25
O2 EDO I . -19.06 14.39 5.87
H11 EDO I . -20.73 14.44 8.80
H12 EDO I . -20.36 15.85 7.82
HO1 EDO I . -22.44 15.04 7.28
H21 EDO I . -19.39 12.99 7.37
H22 EDO I . -18.42 14.39 7.84
HO2 EDO I . -18.28 13.91 5.54
#